data_5CXH
#
_entry.id   5CXH
#
_cell.length_a   40.000
_cell.length_b   85.343
_cell.length_c   90.076
_cell.angle_alpha   90.000
_cell.angle_beta   90.000
_cell.angle_gamma   90.000
#
_symmetry.space_group_name_H-M   'P 21 21 21'
#
loop_
_entity.id
_entity.type
_entity.pdbx_description
1 polymer 'Tyrosine-protein kinase SYK'
2 non-polymer (4R)-4-[(1R)-1-{[6-(3,4-dimethoxyphenyl)[1,3]thiazolo[5,4-c]pyridin-4-yl]oxy}ethyl]pyrrolidin-2-one
3 water water
#
_entity_poly.entity_id   1
_entity_poly.type   'polypeptide(L)'
_entity_poly.pdbx_seq_one_letter_code
;MALEEIRPKEVYLDRKLLTLEDKELGSGNFGTVKKGYYQMKKVVKTVAVKILKNEANDPALKDELLAEANVMQQLDNPYI
VRMIGICEAESWMLVMEMAELGPLNKYLQQNRHVTDKNIIELVHQVSMGMKYLEESNFVHRDLAARNVLLVTQHYAKISD
FGLSKALRADENYYKAQTHGKWPVKWYAPECINYYKFSSKSDVWSFGVLMWEAFSYGQKPYRGMKGSEVTAMLEKGERMG
CPAGCPREMYDLMNLCWTYDVENRPGFAAVELRLRNYYYDVVNHHHHHH
;
_entity_poly.pdbx_strand_id   A
#
# COMPACT_ATOMS: atom_id res chain seq x y z
N VAL A 11 -13.08 -19.06 4.87
CA VAL A 11 -11.73 -18.86 5.42
C VAL A 11 -10.78 -20.01 5.05
N TYR A 12 -11.14 -21.27 5.37
CA TYR A 12 -10.31 -22.42 4.98
C TYR A 12 -10.82 -22.93 3.63
N LEU A 13 -9.96 -22.85 2.61
CA LEU A 13 -10.31 -23.23 1.24
C LEU A 13 -9.88 -24.65 0.90
N ASP A 14 -10.50 -25.18 -0.16
CA ASP A 14 -10.25 -26.52 -0.65
C ASP A 14 -9.28 -26.47 -1.82
N ARG A 15 -8.09 -27.07 -1.64
CA ARG A 15 -7.04 -27.17 -2.65
C ARG A 15 -7.55 -27.72 -3.99
N LYS A 16 -8.51 -28.68 -3.97
CA LYS A 16 -9.05 -29.22 -5.21
C LYS A 16 -9.88 -28.21 -6.03
N LEU A 17 -10.37 -27.13 -5.37
CA LEU A 17 -11.14 -26.07 -6.04
C LEU A 17 -10.22 -24.91 -6.50
N LEU A 18 -8.91 -25.03 -6.24
CA LEU A 18 -7.88 -24.04 -6.62
C LEU A 18 -7.01 -24.58 -7.75
N THR A 19 -6.86 -23.77 -8.81
CA THR A 19 -5.99 -24.09 -9.93
C THR A 19 -4.96 -22.97 -10.02
N LEU A 20 -3.68 -23.31 -9.80
CA LEU A 20 -2.57 -22.36 -9.83
C LEU A 20 -1.83 -22.39 -11.14
N GLU A 21 -1.47 -21.21 -11.65
CA GLU A 21 -0.65 -21.19 -12.85
C GLU A 21 0.82 -21.17 -12.41
N ASP A 22 1.73 -21.72 -13.23
CA ASP A 22 3.14 -21.83 -12.86
C ASP A 22 3.89 -20.52 -12.73
N LYS A 23 3.60 -19.57 -13.64
CA LYS A 23 4.21 -18.23 -13.71
C LYS A 23 4.07 -17.46 -12.39
N GLU A 24 5.14 -16.79 -11.96
CA GLU A 24 5.15 -15.98 -10.75
C GLU A 24 4.93 -14.51 -11.16
N LEU A 25 4.02 -13.80 -10.47
CA LEU A 25 3.75 -12.38 -10.76
C LEU A 25 4.81 -11.52 -10.11
N GLY A 26 5.20 -11.90 -8.89
CA GLY A 26 6.19 -11.18 -8.12
C GLY A 26 6.12 -11.57 -6.67
N SER A 27 6.82 -10.83 -5.84
CA SER A 27 6.86 -11.15 -4.43
C SER A 27 6.49 -9.97 -3.55
N GLY A 28 6.07 -10.27 -2.32
CA GLY A 28 5.73 -9.25 -1.34
C GLY A 28 6.75 -9.25 -0.23
N ASN A 29 6.43 -8.60 0.92
CA ASN A 29 7.34 -8.67 2.09
C ASN A 29 7.57 -10.15 2.43
N PHE A 30 6.52 -10.97 2.28
CA PHE A 30 6.56 -12.41 2.48
C PHE A 30 5.93 -13.05 1.24
N GLY A 31 6.35 -14.25 0.90
CA GLY A 31 5.77 -15.03 -0.18
C GLY A 31 5.92 -14.52 -1.60
N THR A 32 5.43 -15.34 -2.55
CA THR A 32 5.45 -15.11 -3.99
C THR A 32 4.02 -15.27 -4.46
N VAL A 33 3.60 -14.35 -5.31
CA VAL A 33 2.25 -14.33 -5.83
C VAL A 33 2.17 -14.96 -7.19
N LYS A 34 1.19 -15.87 -7.36
CA LYS A 34 0.87 -16.55 -8.60
C LYS A 34 -0.60 -16.30 -8.93
N LYS A 35 -0.94 -16.30 -10.21
CA LYS A 35 -2.34 -16.16 -10.62
C LYS A 35 -2.99 -17.54 -10.52
N GLY A 36 -4.25 -17.55 -10.15
CA GLY A 36 -5.03 -18.77 -10.05
C GLY A 36 -6.51 -18.56 -10.33
N TYR A 37 -7.27 -19.64 -10.17
CA TYR A 37 -8.72 -19.67 -10.32
C TYR A 37 -9.28 -20.44 -9.14
N TYR A 38 -10.36 -19.91 -8.56
CA TYR A 38 -11.07 -20.56 -7.47
C TYR A 38 -12.53 -20.80 -7.80
N GLN A 39 -12.99 -22.04 -7.65
CA GLN A 39 -14.37 -22.43 -7.87
C GLN A 39 -15.19 -21.97 -6.66
N MET A 40 -16.01 -20.92 -6.86
CA MET A 40 -16.86 -20.35 -5.80
C MET A 40 -18.19 -21.12 -5.76
N LYS A 41 -19.17 -20.66 -4.96
CA LYS A 41 -20.48 -21.30 -4.86
C LYS A 41 -21.10 -21.62 -6.25
N LYS A 42 -20.91 -20.71 -7.24
CA LYS A 42 -21.39 -20.90 -8.62
C LYS A 42 -20.36 -20.42 -9.68
N VAL A 43 -19.94 -19.17 -9.60
CA VAL A 43 -19.01 -18.60 -10.57
C VAL A 43 -17.57 -19.10 -10.29
N VAL A 44 -16.67 -19.02 -11.30
CA VAL A 44 -15.24 -19.27 -11.08
C VAL A 44 -14.61 -17.89 -10.85
N LYS A 45 -13.73 -17.76 -9.85
CA LYS A 45 -13.12 -16.47 -9.56
C LYS A 45 -11.62 -16.49 -9.79
N THR A 46 -11.13 -15.51 -10.57
CA THR A 46 -9.71 -15.33 -10.81
C THR A 46 -9.14 -14.77 -9.52
N VAL A 47 -8.03 -15.35 -9.06
CA VAL A 47 -7.46 -14.96 -7.78
C VAL A 47 -5.94 -14.77 -7.87
N ALA A 48 -5.38 -14.07 -6.88
CA ALA A 48 -3.94 -13.92 -6.73
C ALA A 48 -3.63 -14.76 -5.50
N VAL A 49 -2.66 -15.69 -5.61
CA VAL A 49 -2.36 -16.59 -4.50
C VAL A 49 -0.93 -16.38 -4.01
N LYS A 50 -0.79 -16.02 -2.74
CA LYS A 50 0.51 -15.82 -2.12
C LYS A 50 0.91 -17.14 -1.48
N ILE A 51 2.05 -17.69 -1.95
CA ILE A 51 2.61 -18.99 -1.51
C ILE A 51 3.99 -18.79 -0.90
N LEU A 52 4.52 -19.83 -0.26
CA LEU A 52 5.84 -19.75 0.35
C LEU A 52 6.90 -20.57 -0.36
N LYS A 53 8.10 -19.99 -0.47
CA LYS A 53 9.29 -20.67 -0.98
C LYS A 53 10.04 -20.94 0.33
N ASN A 54 9.88 -22.16 0.85
CA ASN A 54 10.40 -22.52 2.17
C ASN A 54 10.99 -23.92 2.17
N GLU A 55 12.14 -24.05 1.49
CA GLU A 55 12.88 -25.31 1.35
C GLU A 55 13.26 -25.89 2.73
N ALA A 56 13.69 -25.01 3.66
CA ALA A 56 14.12 -25.38 5.02
C ALA A 56 12.97 -25.81 5.96
N ASN A 57 11.70 -25.54 5.57
CA ASN A 57 10.50 -25.83 6.37
C ASN A 57 10.55 -25.03 7.70
N ASP A 58 10.99 -23.77 7.60
CA ASP A 58 11.13 -22.81 8.71
C ASP A 58 9.73 -22.37 9.17
N PRO A 59 9.37 -22.63 10.47
CA PRO A 59 8.03 -22.24 10.96
C PRO A 59 7.75 -20.73 10.96
N ALA A 60 8.83 -19.90 10.99
CA ALA A 60 8.73 -18.45 10.99
C ALA A 60 8.04 -17.93 9.71
N LEU A 61 8.39 -18.54 8.55
CA LEU A 61 7.81 -18.14 7.26
C LEU A 61 6.30 -18.38 7.24
N LYS A 62 5.84 -19.49 7.84
CA LYS A 62 4.42 -19.84 7.96
C LYS A 62 3.69 -18.82 8.85
N ASP A 63 4.27 -18.45 10.04
CA ASP A 63 3.69 -17.48 10.98
C ASP A 63 3.51 -16.11 10.36
N GLU A 64 4.52 -15.64 9.60
CA GLU A 64 4.49 -14.33 8.92
C GLU A 64 3.33 -14.26 7.93
N LEU A 65 3.14 -15.33 7.12
CA LEU A 65 2.04 -15.37 6.15
C LEU A 65 0.68 -15.47 6.87
N LEU A 66 0.60 -16.25 7.97
CA LEU A 66 -0.64 -16.38 8.73
C LEU A 66 -0.99 -15.05 9.44
N ALA A 67 0.02 -14.30 9.95
CA ALA A 67 -0.21 -12.99 10.58
C ALA A 67 -0.77 -12.02 9.50
N GLU A 68 -0.20 -12.10 8.26
CA GLU A 68 -0.69 -11.31 7.13
C GLU A 68 -2.16 -11.64 6.85
N ALA A 69 -2.48 -12.94 6.74
CA ALA A 69 -3.84 -13.45 6.52
C ALA A 69 -4.77 -12.95 7.64
N ASN A 70 -4.30 -12.99 8.93
CA ASN A 70 -5.08 -12.51 10.08
C ASN A 70 -5.48 -11.02 9.98
N VAL A 71 -4.57 -10.16 9.48
CA VAL A 71 -4.90 -8.74 9.26
C VAL A 71 -5.97 -8.60 8.17
N MET A 72 -5.77 -9.25 7.00
CA MET A 72 -6.70 -9.08 5.86
C MET A 72 -8.12 -9.55 6.18
N GLN A 73 -8.24 -10.65 6.96
CA GLN A 73 -9.51 -11.24 7.40
C GLN A 73 -10.41 -10.22 8.11
N GLN A 74 -9.81 -9.25 8.81
CA GLN A 74 -10.53 -8.22 9.58
C GLN A 74 -10.94 -7.00 8.75
N LEU A 75 -10.46 -6.89 7.48
CA LEU A 75 -10.71 -5.73 6.61
C LEU A 75 -11.75 -5.97 5.54
N ASP A 76 -12.62 -4.97 5.32
CA ASP A 76 -13.72 -5.03 4.37
C ASP A 76 -13.96 -3.63 3.82
N ASN A 77 -13.31 -3.29 2.68
CA ASN A 77 -13.44 -1.97 2.07
C ASN A 77 -13.21 -2.08 0.55
N PRO A 78 -13.92 -1.29 -0.30
CA PRO A 78 -13.69 -1.39 -1.76
C PRO A 78 -12.27 -1.06 -2.22
N TYR A 79 -11.51 -0.28 -1.42
CA TYR A 79 -10.17 0.15 -1.81
C TYR A 79 -9.04 -0.64 -1.14
N ILE A 80 -9.37 -1.83 -0.64
CA ILE A 80 -8.43 -2.74 -0.01
C ILE A 80 -8.58 -4.11 -0.69
N VAL A 81 -7.46 -4.75 -1.02
CA VAL A 81 -7.45 -6.10 -1.63
C VAL A 81 -8.11 -7.07 -0.63
N ARG A 82 -9.16 -7.79 -1.08
CA ARG A 82 -9.89 -8.72 -0.21
C ARG A 82 -9.25 -10.08 -0.15
N MET A 83 -9.26 -10.69 1.03
CA MET A 83 -8.75 -12.05 1.18
C MET A 83 -9.94 -12.98 0.95
N ILE A 84 -9.76 -14.03 0.13
CA ILE A 84 -10.81 -15.02 -0.11
C ILE A 84 -10.70 -16.08 0.99
N GLY A 85 -9.48 -16.47 1.30
CA GLY A 85 -9.25 -17.47 2.34
C GLY A 85 -7.85 -18.00 2.29
N ILE A 86 -7.62 -19.09 3.05
CA ILE A 86 -6.30 -19.73 3.18
C ILE A 86 -6.43 -21.22 2.95
N CYS A 87 -5.30 -21.86 2.62
CA CYS A 87 -5.23 -23.29 2.36
C CYS A 87 -3.82 -23.79 2.69
N GLU A 88 -3.70 -24.95 3.34
CA GLU A 88 -2.40 -25.57 3.61
C GLU A 88 -2.26 -26.78 2.68
N ALA A 89 -1.44 -26.63 1.62
CA ALA A 89 -1.21 -27.74 0.67
C ALA A 89 0.30 -27.92 0.49
N GLU A 90 0.87 -27.78 -0.74
CA GLU A 90 2.34 -27.88 -0.97
C GLU A 90 3.02 -26.89 -0.01
N SER A 91 2.38 -25.72 0.21
CA SER A 91 2.75 -24.74 1.24
C SER A 91 1.47 -24.03 1.69
N TRP A 92 1.56 -23.21 2.75
CA TRP A 92 0.45 -22.37 3.18
C TRP A 92 0.23 -21.40 2.02
N MET A 93 -1.06 -21.12 1.71
CA MET A 93 -1.42 -20.26 0.59
C MET A 93 -2.44 -19.23 1.04
N LEU A 94 -2.23 -17.94 0.70
CA LEU A 94 -3.15 -16.86 1.04
C LEU A 94 -3.82 -16.47 -0.27
N VAL A 95 -5.12 -16.80 -0.41
CA VAL A 95 -5.90 -16.57 -1.63
C VAL A 95 -6.59 -15.23 -1.54
N MET A 96 -6.32 -14.36 -2.54
CA MET A 96 -6.86 -13.00 -2.55
C MET A 96 -7.52 -12.72 -3.86
N GLU A 97 -8.23 -11.61 -3.94
CA GLU A 97 -8.74 -11.22 -5.24
C GLU A 97 -7.58 -10.74 -6.14
N MET A 98 -7.75 -10.84 -7.46
CA MET A 98 -6.75 -10.46 -8.44
C MET A 98 -6.93 -9.01 -8.93
N ALA A 99 -5.87 -8.20 -8.84
CA ALA A 99 -5.87 -6.83 -9.39
C ALA A 99 -5.04 -6.97 -10.66
N GLU A 100 -5.71 -7.28 -11.79
CA GLU A 100 -5.16 -7.60 -13.11
C GLU A 100 -4.05 -6.68 -13.62
N LEU A 101 -4.22 -5.36 -13.46
CA LEU A 101 -3.29 -4.36 -14.00
C LEU A 101 -1.98 -4.17 -13.21
N GLY A 102 -1.93 -4.71 -11.99
CA GLY A 102 -0.75 -4.70 -11.16
C GLY A 102 -0.36 -3.42 -10.45
N PRO A 103 0.91 -3.36 -9.99
CA PRO A 103 1.39 -2.20 -9.20
C PRO A 103 1.30 -0.89 -9.98
N LEU A 104 0.90 0.16 -9.24
CA LEU A 104 0.71 1.52 -9.75
C LEU A 104 2.00 2.13 -10.32
N ASN A 105 3.15 1.89 -9.67
CA ASN A 105 4.41 2.45 -10.16
C ASN A 105 4.80 1.83 -11.50
N LYS A 106 4.74 0.48 -11.64
CA LYS A 106 5.03 -0.24 -12.88
C LYS A 106 4.01 0.19 -13.97
N TYR A 107 2.70 0.33 -13.61
CA TYR A 107 1.66 0.76 -14.57
C TYR A 107 1.95 2.14 -15.19
N LEU A 108 2.22 3.15 -14.34
CA LEU A 108 2.51 4.53 -14.78
C LEU A 108 3.82 4.64 -15.56
N GLN A 109 4.84 3.81 -15.21
CA GLN A 109 6.11 3.78 -15.94
C GLN A 109 5.83 3.44 -17.43
N GLN A 110 4.84 2.53 -17.67
CA GLN A 110 4.48 2.00 -18.98
C GLN A 110 3.33 2.75 -19.63
N ASN A 111 2.69 3.69 -18.92
CA ASN A 111 1.51 4.41 -19.42
C ASN A 111 1.61 5.89 -19.08
N ARG A 112 2.53 6.58 -19.75
CA ARG A 112 2.83 8.01 -19.52
C ARG A 112 1.70 8.94 -19.97
N HIS A 113 0.75 8.43 -20.71
CA HIS A 113 -0.42 9.18 -21.23
C HIS A 113 -1.50 9.34 -20.14
N VAL A 114 -1.38 8.60 -19.02
CA VAL A 114 -2.34 8.70 -17.89
C VAL A 114 -2.39 10.16 -17.46
N THR A 115 -3.59 10.75 -17.35
CA THR A 115 -3.68 12.19 -17.05
C THR A 115 -3.52 12.48 -15.58
N ASP A 116 -3.28 13.77 -15.24
CA ASP A 116 -3.21 14.22 -13.85
C ASP A 116 -4.57 13.97 -13.16
N LYS A 117 -5.68 14.19 -13.89
CA LYS A 117 -7.04 13.92 -13.37
C LYS A 117 -7.14 12.45 -12.94
N ASN A 118 -6.69 11.51 -13.83
CA ASN A 118 -6.70 10.07 -13.55
C ASN A 118 -5.84 9.70 -12.35
N ILE A 119 -4.66 10.34 -12.20
CA ILE A 119 -3.78 10.08 -11.06
C ILE A 119 -4.45 10.55 -9.76
N ILE A 120 -5.05 11.75 -9.78
CA ILE A 120 -5.77 12.27 -8.60
C ILE A 120 -6.88 11.27 -8.18
N GLU A 121 -7.67 10.78 -9.17
CA GLU A 121 -8.72 9.79 -8.92
C GLU A 121 -8.16 8.56 -8.18
N LEU A 122 -7.03 8.03 -8.67
CA LEU A 122 -6.41 6.83 -8.06
C LEU A 122 -5.83 7.07 -6.67
N VAL A 123 -5.10 8.19 -6.48
CA VAL A 123 -4.56 8.48 -5.15
C VAL A 123 -5.70 8.84 -4.17
N HIS A 124 -6.82 9.42 -4.69
CA HIS A 124 -7.96 9.71 -3.82
C HIS A 124 -8.53 8.37 -3.34
N GLN A 125 -8.63 7.39 -4.25
CA GLN A 125 -9.13 6.06 -3.88
C GLN A 125 -8.25 5.42 -2.81
N VAL A 126 -6.92 5.63 -2.87
CA VAL A 126 -5.98 5.13 -1.87
C VAL A 126 -6.28 5.82 -0.54
N SER A 127 -6.54 7.14 -0.56
CA SER A 127 -6.85 7.87 0.69
C SER A 127 -8.16 7.40 1.34
N MET A 128 -9.15 6.93 0.54
CA MET A 128 -10.41 6.40 1.07
C MET A 128 -10.14 5.07 1.80
N GLY A 129 -9.35 4.20 1.20
CA GLY A 129 -8.94 2.93 1.82
C GLY A 129 -8.15 3.15 3.10
N MET A 130 -7.24 4.15 3.10
CA MET A 130 -6.40 4.47 4.27
C MET A 130 -7.24 5.15 5.38
N LYS A 131 -8.23 5.99 4.98
CA LYS A 131 -9.17 6.61 5.94
C LYS A 131 -9.91 5.47 6.68
N TYR A 132 -10.31 4.41 5.93
CA TYR A 132 -10.93 3.22 6.48
C TYR A 132 -9.95 2.49 7.39
N LEU A 133 -8.69 2.25 6.93
CA LEU A 133 -7.69 1.54 7.74
C LEU A 133 -7.43 2.27 9.04
N GLU A 134 -7.37 3.61 8.98
CA GLU A 134 -7.14 4.45 10.15
C GLU A 134 -8.33 4.36 11.12
N GLU A 135 -9.58 4.39 10.60
CA GLU A 135 -10.78 4.25 11.42
C GLU A 135 -10.79 2.84 12.07
N SER A 136 -10.20 1.83 11.40
CA SER A 136 -10.12 0.44 11.88
C SER A 136 -8.95 0.23 12.88
N ASN A 137 -8.11 1.26 13.05
CA ASN A 137 -6.95 1.21 13.91
C ASN A 137 -5.91 0.13 13.54
N PHE A 138 -5.66 0.03 12.25
CA PHE A 138 -4.59 -0.79 11.72
C PHE A 138 -3.59 0.16 11.13
N VAL A 139 -2.30 -0.17 11.29
CA VAL A 139 -1.24 0.61 10.65
C VAL A 139 -0.74 -0.26 9.49
N HIS A 140 -0.60 0.33 8.29
CA HIS A 140 -0.16 -0.44 7.12
C HIS A 140 1.33 -0.84 7.21
N ARG A 141 2.21 0.16 7.42
CA ARG A 141 3.66 0.07 7.56
C ARG A 141 4.44 -0.26 6.29
N ASP A 142 3.78 -0.29 5.12
CA ASP A 142 4.52 -0.50 3.85
C ASP A 142 3.77 0.19 2.71
N LEU A 143 3.23 1.37 2.99
CA LEU A 143 2.40 2.09 2.03
C LEU A 143 3.30 2.75 0.99
N ALA A 144 3.23 2.26 -0.25
CA ALA A 144 4.11 2.69 -1.35
C ALA A 144 3.40 2.41 -2.65
N ALA A 145 3.82 3.08 -3.73
CA ALA A 145 3.16 2.88 -5.04
C ALA A 145 3.19 1.41 -5.51
N ARG A 146 4.26 0.64 -5.17
CA ARG A 146 4.43 -0.79 -5.52
C ARG A 146 3.30 -1.67 -4.90
N ASN A 147 2.70 -1.20 -3.80
CA ASN A 147 1.61 -1.88 -3.07
C ASN A 147 0.22 -1.41 -3.46
N VAL A 148 0.11 -0.37 -4.29
CA VAL A 148 -1.19 0.06 -4.82
C VAL A 148 -1.38 -0.72 -6.10
N LEU A 149 -2.42 -1.56 -6.16
CA LEU A 149 -2.69 -2.42 -7.30
C LEU A 149 -3.90 -1.95 -8.05
N LEU A 150 -3.82 -2.04 -9.38
CA LEU A 150 -4.92 -1.58 -10.19
C LEU A 150 -5.80 -2.72 -10.65
N VAL A 151 -7.10 -2.57 -10.38
CA VAL A 151 -8.12 -3.52 -10.85
C VAL A 151 -8.40 -3.08 -12.28
N THR A 152 -8.54 -1.76 -12.46
CA THR A 152 -8.70 -1.10 -13.78
C THR A 152 -7.86 0.16 -13.71
N GLN A 153 -7.81 0.92 -14.83
CA GLN A 153 -7.06 2.19 -14.89
C GLN A 153 -7.72 3.22 -13.99
N HIS A 154 -8.97 2.96 -13.57
CA HIS A 154 -9.77 3.85 -12.74
C HIS A 154 -10.18 3.26 -11.39
N TYR A 155 -9.46 2.21 -10.91
CA TYR A 155 -9.82 1.55 -9.66
C TYR A 155 -8.59 0.95 -9.02
N ALA A 156 -8.13 1.62 -7.96
CA ALA A 156 -6.95 1.23 -7.19
C ALA A 156 -7.35 0.58 -5.87
N LYS A 157 -6.51 -0.35 -5.38
CA LYS A 157 -6.70 -1.05 -4.11
C LYS A 157 -5.36 -1.17 -3.39
N ILE A 158 -5.38 -1.08 -2.07
CA ILE A 158 -4.19 -1.22 -1.25
C ILE A 158 -3.92 -2.71 -0.99
N SER A 159 -2.64 -3.12 -1.08
CA SER A 159 -2.23 -4.49 -0.88
C SER A 159 -1.00 -4.60 0.02
N ASP A 160 -0.56 -5.84 0.24
CA ASP A 160 0.57 -6.24 1.08
C ASP A 160 0.49 -5.77 2.51
N PHE A 161 -0.24 -6.56 3.32
CA PHE A 161 -0.41 -6.27 4.76
C PHE A 161 0.59 -7.08 5.60
N GLY A 162 1.72 -7.48 4.99
CA GLY A 162 2.77 -8.27 5.63
C GLY A 162 3.38 -7.60 6.85
N LEU A 163 3.53 -6.27 6.80
CA LEU A 163 4.13 -5.53 7.94
C LEU A 163 3.08 -4.84 8.78
N SER A 164 1.80 -5.07 8.46
CA SER A 164 0.67 -4.42 9.15
C SER A 164 0.43 -4.89 10.58
N LYS A 165 -0.07 -3.98 11.43
CA LYS A 165 -0.34 -4.30 12.85
C LYS A 165 -1.69 -3.75 13.29
N ALA A 166 -2.44 -4.53 14.08
CA ALA A 166 -3.68 -4.08 14.68
C ALA A 166 -3.20 -3.33 15.94
N LEU A 167 -3.59 -2.07 16.05
CA LEU A 167 -3.21 -1.29 17.24
C LEU A 167 -3.92 -1.76 18.49
N ARG A 168 -3.23 -1.68 19.63
CA ARG A 168 -3.82 -2.05 20.90
C ARG A 168 -4.95 -1.05 21.20
N ALA A 169 -5.95 -1.50 21.96
CA ALA A 169 -7.09 -0.66 22.38
C ALA A 169 -6.69 0.60 23.15
N ASP A 170 -5.51 0.58 23.81
CA ASP A 170 -5.07 1.70 24.67
C ASP A 170 -3.96 2.57 24.07
N GLU A 171 -3.50 2.26 22.85
CA GLU A 171 -2.40 2.98 22.18
C GLU A 171 -2.72 3.39 20.75
N ASN A 172 -2.19 4.54 20.31
CA ASN A 172 -2.43 4.99 18.93
C ASN A 172 -1.22 4.69 18.02
N TYR A 173 -0.25 3.94 18.55
CA TYR A 173 0.92 3.56 17.76
C TYR A 173 1.42 2.16 18.10
N TYR A 174 2.18 1.58 17.16
CA TYR A 174 2.85 0.28 17.30
C TYR A 174 4.34 0.61 17.50
N LYS A 175 4.97 0.01 18.51
CA LYS A 175 6.39 0.18 18.81
C LYS A 175 7.15 -1.04 18.27
N ALA A 176 7.97 -0.85 17.24
CA ALA A 176 8.73 -1.97 16.68
C ALA A 176 9.84 -2.36 17.62
N GLN A 177 10.03 -3.68 17.74
CA GLN A 177 11.04 -4.29 18.61
C GLN A 177 12.32 -4.47 17.81
N THR A 178 12.13 -5.01 16.60
CA THR A 178 13.19 -5.18 15.62
C THR A 178 13.13 -4.44 14.26
N HIS A 179 14.23 -3.72 14.00
CA HIS A 179 14.37 -2.78 12.90
C HIS A 179 14.26 -3.41 11.58
N GLY A 180 14.96 -4.49 11.32
CA GLY A 180 14.74 -5.26 10.12
C GLY A 180 15.10 -4.62 8.79
N LYS A 181 14.81 -5.33 7.71
CA LYS A 181 14.69 -4.75 6.38
C LYS A 181 13.44 -3.84 6.31
N TRP A 182 13.66 -2.53 6.51
CA TRP A 182 12.62 -1.50 6.50
C TRP A 182 12.63 -0.69 5.21
N PRO A 183 11.45 -0.35 4.65
CA PRO A 183 11.41 0.54 3.46
C PRO A 183 11.63 2.00 3.92
N VAL A 184 12.86 2.33 4.34
CA VAL A 184 13.21 3.65 4.96
C VAL A 184 12.77 4.89 4.17
N LYS A 185 12.79 4.80 2.82
CA LYS A 185 12.43 5.95 1.98
C LYS A 185 10.96 6.35 2.10
N TRP A 186 10.10 5.43 2.59
CA TRP A 186 8.66 5.67 2.80
C TRP A 186 8.35 5.97 4.29
N TYR A 187 9.37 5.93 5.14
CA TYR A 187 9.19 6.07 6.59
C TYR A 187 9.30 7.46 7.16
N ALA A 188 8.36 7.81 8.07
CA ALA A 188 8.34 9.09 8.79
C ALA A 188 9.53 9.19 9.76
N PRO A 189 9.98 10.41 10.13
CA PRO A 189 11.12 10.52 11.06
C PRO A 189 10.92 9.82 12.41
N GLU A 190 9.68 9.80 12.97
CA GLU A 190 9.39 9.13 14.27
C GLU A 190 9.52 7.59 14.17
N CYS A 191 9.39 7.05 12.95
CA CYS A 191 9.59 5.61 12.70
C CYS A 191 11.07 5.33 12.80
N ILE A 192 11.88 6.17 12.15
CA ILE A 192 13.34 6.05 12.15
C ILE A 192 13.90 6.31 13.53
N ASN A 193 13.50 7.44 14.15
CA ASN A 193 14.04 7.90 15.43
C ASN A 193 13.51 7.23 16.68
N TYR A 194 12.22 6.84 16.68
CA TYR A 194 11.61 6.24 17.87
C TYR A 194 10.98 4.87 17.66
N TYR A 195 11.07 4.29 16.43
CA TYR A 195 10.45 2.98 16.08
C TYR A 195 8.93 2.98 16.35
N LYS A 196 8.28 4.16 16.19
CA LYS A 196 6.86 4.33 16.48
C LYS A 196 6.06 4.47 15.19
N PHE A 197 5.10 3.59 15.00
CA PHE A 197 4.28 3.54 13.78
C PHE A 197 2.83 3.78 14.10
N SER A 198 2.26 4.81 13.47
CA SER A 198 0.86 5.19 13.70
C SER A 198 0.19 5.42 12.35
N SER A 199 -1.11 5.77 12.37
CA SER A 199 -1.81 6.13 11.12
C SER A 199 -1.15 7.40 10.53
N LYS A 200 -0.62 8.28 11.40
CA LYS A 200 0.10 9.47 10.96
C LYS A 200 1.42 9.14 10.27
N SER A 201 2.10 8.06 10.69
CA SER A 201 3.31 7.55 10.01
C SER A 201 2.91 7.08 8.61
N ASP A 202 1.72 6.41 8.49
CA ASP A 202 1.20 5.98 7.19
C ASP A 202 0.89 7.21 6.31
N VAL A 203 0.44 8.34 6.93
CA VAL A 203 0.18 9.59 6.18
C VAL A 203 1.49 10.05 5.50
N TRP A 204 2.63 10.01 6.26
CA TRP A 204 3.93 10.34 5.68
C TRP A 204 4.21 9.47 4.47
N SER A 205 4.04 8.11 4.58
CA SER A 205 4.27 7.21 3.43
C SER A 205 3.34 7.54 2.29
N PHE A 206 2.09 7.97 2.60
CA PHE A 206 1.12 8.34 1.57
C PHE A 206 1.62 9.56 0.77
N GLY A 207 2.34 10.48 1.43
CA GLY A 207 2.93 11.64 0.76
C GLY A 207 3.95 11.19 -0.27
N VAL A 208 4.80 10.21 0.11
CA VAL A 208 5.84 9.64 -0.76
C VAL A 208 5.14 8.92 -1.93
N LEU A 209 4.09 8.13 -1.63
CA LEU A 209 3.26 7.43 -2.64
C LEU A 209 2.71 8.44 -3.67
N MET A 210 2.16 9.57 -3.20
CA MET A 210 1.65 10.65 -4.08
C MET A 210 2.76 11.15 -5.00
N TRP A 211 3.96 11.40 -4.45
CA TRP A 211 5.12 11.85 -5.22
C TRP A 211 5.43 10.82 -6.30
N GLU A 212 5.46 9.51 -5.95
CA GLU A 212 5.71 8.44 -6.94
C GLU A 212 4.68 8.43 -8.06
N ALA A 213 3.38 8.59 -7.71
CA ALA A 213 2.28 8.58 -8.67
C ALA A 213 2.40 9.74 -9.65
N PHE A 214 2.59 10.97 -9.14
CA PHE A 214 2.77 12.13 -10.00
C PHE A 214 4.08 12.12 -10.77
N SER A 215 5.06 11.30 -10.35
CA SER A 215 6.35 11.15 -11.05
C SER A 215 6.30 9.94 -12.02
N TYR A 216 5.09 9.42 -12.29
CA TYR A 216 4.84 8.28 -13.17
C TYR A 216 5.68 7.04 -12.79
N GLY A 217 5.70 6.75 -11.49
CA GLY A 217 6.38 5.58 -10.95
C GLY A 217 7.87 5.64 -10.75
N GLN A 218 8.47 6.84 -10.78
CA GLN A 218 9.90 7.02 -10.50
C GLN A 218 10.16 6.70 -9.02
N LYS A 219 11.35 6.14 -8.72
CA LYS A 219 11.74 5.83 -7.35
C LYS A 219 12.01 7.13 -6.58
N PRO A 220 11.54 7.23 -5.32
CA PRO A 220 11.78 8.47 -4.55
C PRO A 220 13.23 8.60 -4.10
N TYR A 221 13.73 9.86 -3.85
CA TYR A 221 15.09 10.12 -3.36
C TYR A 221 16.13 9.35 -4.22
N ARG A 222 16.03 9.47 -5.55
CA ARG A 222 16.95 8.69 -6.37
C ARG A 222 18.40 8.96 -6.14
N GLY A 223 19.15 7.85 -6.10
CA GLY A 223 20.58 7.80 -5.91
C GLY A 223 21.03 8.06 -4.49
N MET A 224 20.08 8.18 -3.56
CA MET A 224 20.41 8.48 -2.16
C MET A 224 20.33 7.23 -1.29
N LYS A 225 21.24 7.13 -0.31
CA LYS A 225 21.26 6.05 0.68
C LYS A 225 20.20 6.44 1.72
N GLY A 226 19.69 5.47 2.48
CA GLY A 226 18.71 5.71 3.53
C GLY A 226 19.16 6.76 4.53
N SER A 227 20.45 6.73 4.93
CA SER A 227 21.00 7.70 5.88
C SER A 227 21.04 9.12 5.32
N GLU A 228 21.32 9.26 4.02
CA GLU A 228 21.32 10.58 3.36
C GLU A 228 19.87 11.14 3.30
N VAL A 229 18.85 10.25 3.15
CA VAL A 229 17.42 10.66 3.15
C VAL A 229 17.07 11.20 4.56
N THR A 230 17.45 10.45 5.59
CA THR A 230 17.22 10.86 7.00
C THR A 230 17.87 12.24 7.23
N ALA A 231 19.14 12.42 6.78
CA ALA A 231 19.85 13.70 6.94
C ALA A 231 19.19 14.85 6.16
N MET A 232 18.63 14.55 4.97
CA MET A 232 17.94 15.55 4.14
C MET A 232 16.68 16.06 4.85
N LEU A 233 15.84 15.12 5.33
CA LEU A 233 14.57 15.39 6.02
C LEU A 233 14.81 16.15 7.31
N GLU A 234 15.88 15.78 8.02
CA GLU A 234 16.24 16.45 9.26
C GLU A 234 16.58 17.93 9.07
N LYS A 235 17.13 18.32 7.87
CA LYS A 235 17.48 19.70 7.47
C LYS A 235 16.20 20.45 7.02
N GLY A 236 15.05 19.76 7.05
CA GLY A 236 13.77 20.29 6.59
C GLY A 236 13.59 20.26 5.08
N GLU A 237 14.51 19.57 4.36
CA GLU A 237 14.40 19.46 2.91
C GLU A 237 13.44 18.37 2.49
N ARG A 238 12.74 18.60 1.38
CA ARG A 238 11.77 17.65 0.83
C ARG A 238 11.98 17.53 -0.67
N MET A 239 11.54 16.42 -1.24
CA MET A 239 11.62 16.23 -2.70
C MET A 239 10.83 17.35 -3.37
N GLY A 240 11.32 17.75 -4.53
CA GLY A 240 10.72 18.79 -5.37
C GLY A 240 9.42 18.35 -6.03
N CYS A 241 8.76 19.32 -6.64
CA CYS A 241 7.50 19.10 -7.30
C CYS A 241 7.70 18.31 -8.58
N PRO A 242 7.06 17.13 -8.80
CA PRO A 242 7.24 16.42 -10.08
C PRO A 242 6.74 17.25 -11.27
N ALA A 243 7.39 17.11 -12.45
CA ALA A 243 6.98 17.82 -13.68
C ALA A 243 5.48 17.58 -13.94
N GLY A 244 4.73 18.65 -14.16
CA GLY A 244 3.30 18.58 -14.45
C GLY A 244 2.41 18.26 -13.27
N CYS A 245 2.98 18.17 -12.05
CA CYS A 245 2.14 17.89 -10.90
C CYS A 245 1.40 19.17 -10.47
N PRO A 246 0.06 19.14 -10.27
CA PRO A 246 -0.66 20.36 -9.85
C PRO A 246 -0.13 20.88 -8.52
N ARG A 247 -0.10 22.21 -8.34
CA ARG A 247 0.42 22.82 -7.12
C ARG A 247 -0.32 22.37 -5.85
N GLU A 248 -1.66 22.18 -5.94
CA GLU A 248 -2.50 21.74 -4.81
C GLU A 248 -2.08 20.34 -4.33
N MET A 249 -1.65 19.49 -5.28
CA MET A 249 -1.19 18.13 -5.00
C MET A 249 0.21 18.12 -4.41
N TYR A 250 1.08 19.03 -4.86
CA TYR A 250 2.41 19.10 -4.25
C TYR A 250 2.30 19.69 -2.84
N ASP A 251 1.37 20.65 -2.63
CA ASP A 251 1.13 21.24 -1.31
C ASP A 251 0.65 20.15 -0.34
N LEU A 252 -0.26 19.27 -0.80
CA LEU A 252 -0.74 18.16 0.03
C LEU A 252 0.39 17.18 0.39
N MET A 253 1.30 16.85 -0.57
CA MET A 253 2.46 15.96 -0.29
C MET A 253 3.30 16.58 0.83
N ASN A 254 3.55 17.90 0.73
CA ASN A 254 4.32 18.61 1.76
C ASN A 254 3.64 18.58 3.10
N LEU A 255 2.30 18.69 3.12
CA LEU A 255 1.54 18.62 4.36
C LEU A 255 1.67 17.21 4.99
N CYS A 256 1.69 16.14 4.14
CA CYS A 256 1.88 14.74 4.60
C CYS A 256 3.26 14.60 5.20
N TRP A 257 4.24 15.38 4.68
CA TRP A 257 5.60 15.36 5.17
C TRP A 257 5.86 16.38 6.31
N THR A 258 4.85 16.63 7.16
CA THR A 258 5.00 17.48 8.35
C THR A 258 5.87 16.66 9.32
N TYR A 259 7.01 17.23 9.73
CA TYR A 259 7.98 16.56 10.61
C TYR A 259 7.35 16.09 11.91
N ASP A 260 6.68 17.02 12.59
CA ASP A 260 6.01 16.80 13.87
C ASP A 260 4.73 16.02 13.65
N VAL A 261 4.71 14.79 14.17
CA VAL A 261 3.60 13.85 14.09
C VAL A 261 2.26 14.45 14.57
N GLU A 262 2.28 15.33 15.61
CA GLU A 262 1.05 15.97 16.10
C GLU A 262 0.39 16.95 15.13
N ASN A 263 1.19 17.70 14.37
CA ASN A 263 0.70 18.67 13.40
C ASN A 263 0.45 18.07 12.00
N ARG A 264 0.91 16.83 11.77
CA ARG A 264 0.69 16.13 10.50
C ARG A 264 -0.81 15.80 10.39
N PRO A 265 -1.47 16.00 9.24
CA PRO A 265 -2.90 15.60 9.15
C PRO A 265 -3.10 14.08 9.27
N GLY A 266 -4.32 13.69 9.63
CA GLY A 266 -4.75 12.31 9.65
C GLY A 266 -5.38 12.04 8.29
N PHE A 267 -5.75 10.78 8.02
CA PHE A 267 -6.37 10.44 6.72
C PHE A 267 -7.73 11.07 6.44
N ALA A 268 -8.52 11.35 7.49
CA ALA A 268 -9.81 12.04 7.29
C ALA A 268 -9.54 13.40 6.61
N ALA A 269 -8.57 14.20 7.14
CA ALA A 269 -8.20 15.50 6.55
C ALA A 269 -7.58 15.34 5.15
N VAL A 270 -6.74 14.30 4.93
CA VAL A 270 -6.09 14.05 3.64
C VAL A 270 -7.10 13.67 2.56
N GLU A 271 -7.99 12.71 2.85
CA GLU A 271 -9.03 12.24 1.93
C GLU A 271 -9.93 13.42 1.54
N LEU A 272 -10.29 14.28 2.48
CA LEU A 272 -11.17 15.42 2.19
C LEU A 272 -10.52 16.40 1.20
N ARG A 273 -9.23 16.71 1.38
CA ARG A 273 -8.47 17.61 0.49
C ARG A 273 -8.45 17.06 -0.92
N LEU A 274 -8.11 15.76 -1.07
CA LEU A 274 -8.08 15.10 -2.38
C LEU A 274 -9.46 15.05 -3.01
N ARG A 275 -10.49 14.77 -2.19
CA ARG A 275 -11.89 14.69 -2.67
C ARG A 275 -12.33 16.01 -3.31
N ASN A 276 -12.10 17.11 -2.60
CA ASN A 276 -12.45 18.46 -3.04
C ASN A 276 -11.64 18.89 -4.25
N TYR A 277 -10.34 18.54 -4.27
CA TYR A 277 -9.52 18.88 -5.41
C TYR A 277 -9.93 18.10 -6.65
N TYR A 278 -10.25 16.79 -6.49
CA TYR A 278 -10.71 15.95 -7.58
C TYR A 278 -12.00 16.51 -8.22
N TYR A 279 -12.98 16.96 -7.39
CA TYR A 279 -14.20 17.56 -7.92
C TYR A 279 -13.93 18.87 -8.69
N ASP A 280 -12.92 19.66 -8.24
CA ASP A 280 -12.51 20.91 -8.90
C ASP A 280 -11.96 20.58 -10.29
N VAL A 281 -11.16 19.51 -10.40
CA VAL A 281 -10.57 19.06 -11.67
C VAL A 281 -11.69 18.49 -12.57
N VAL A 282 -12.60 17.68 -12.00
CA VAL A 282 -13.77 17.16 -12.74
C VAL A 282 -14.56 18.34 -13.34
N ASN A 283 -14.72 19.45 -12.56
CA ASN A 283 -15.42 20.67 -12.99
C ASN A 283 -14.67 21.36 -14.13
N HIS A 284 -13.33 21.44 -14.02
CA HIS A 284 -12.45 22.05 -15.01
C HIS A 284 -12.56 21.31 -16.36
N HIS A 285 -12.50 19.96 -16.32
CA HIS A 285 -12.62 19.07 -17.48
C HIS A 285 -13.92 19.26 -18.26
N HIS A 286 -15.08 19.36 -17.54
CA HIS A 286 -16.40 19.58 -18.15
C HIS A 286 -16.49 20.95 -18.86
N HIS A 287 -15.74 21.95 -18.35
CA HIS A 287 -15.68 23.29 -18.93
C HIS A 287 -14.79 23.27 -20.17
#